data_2OU3
#
_entry.id   2OU3
#
_cell.length_a   38.490
_cell.length_b   56.190
_cell.length_c   152.300
_cell.angle_alpha   90.000
_cell.angle_beta   90.000
_cell.angle_gamma   90.000
#
_symmetry.space_group_name_H-M   'P 21 21 21'
#
loop_
_entity.id
_entity.type
_entity.pdbx_description
1 polymer 'Tellurite resistance protein of COG3793'
2 non-polymer 'ZINC ION'
3 non-polymer 1H-INDOLE-3-CARBALDEHYDE
4 non-polymer 1,2-ETHANEDIOL
5 non-polymer 'CHLORIDE ION'
6 water water
#
_entity_poly.entity_id   1
_entity_poly.type   'polypeptide(L)'
_entity_poly.pdbx_seq_one_letter_code
;G(MSE)SDIKKLGSSWIINWFFGFNQIPTNEDSSIY(MSE)KSVLTCAKADGVISPEEKDWALGFCASWGVADWVIEDLK
TYEADEALEEVIARSPQVS(MSE)AQRDILLSAIWVSAADGELHEKEKAKIRK(MSE)ATILGIKEEIVDQLEQLYYYEA
ALRQKRLNLLYPQKSPY
;
_entity_poly.pdbx_strand_id   A,B
#
loop_
_chem_comp.id
_chem_comp.type
_chem_comp.name
_chem_comp.formula
CL non-polymer 'CHLORIDE ION' 'Cl -1'
EDO non-polymer 1,2-ETHANEDIOL 'C2 H6 O2'
I3A non-polymer 1H-INDOLE-3-CARBALDEHYDE 'C9 H7 N O'
ZN non-polymer 'ZINC ION' 'Zn 2'
#
# COMPACT_ATOMS: atom_id res chain seq x y z
N MSE A 2 15.30 3.86 14.04
CA MSE A 2 15.01 4.22 12.61
C MSE A 2 15.46 5.63 12.29
O MSE A 2 15.31 6.54 13.12
CB MSE A 2 13.51 4.16 12.34
CG MSE A 2 12.98 2.86 11.85
SE MSE A 2 11.19 3.18 11.16
CE MSE A 2 10.47 1.34 11.25
N SER A 3 15.97 5.82 11.07
CA SER A 3 16.24 7.17 10.58
C SER A 3 14.92 7.92 10.39
N ASP A 4 15.02 9.23 10.32
CA ASP A 4 13.87 10.06 10.09
C ASP A 4 13.20 9.71 8.75
N ILE A 5 14.01 9.41 7.74
CA ILE A 5 13.46 9.06 6.42
C ILE A 5 12.80 7.66 6.48
N LYS A 6 13.43 6.70 7.16
CA LYS A 6 12.79 5.43 7.42
C LYS A 6 11.44 5.61 8.13
N LYS A 7 11.42 6.42 9.17
CA LYS A 7 10.19 6.68 9.87
C LYS A 7 9.14 7.31 8.98
N LEU A 8 9.54 8.17 8.04
CA LEU A 8 8.60 8.73 7.10
C LEU A 8 7.87 7.66 6.30
N GLY A 9 8.64 6.72 5.72
CA GLY A 9 8.07 5.67 4.91
C GLY A 9 7.25 4.68 5.74
N SER A 10 7.79 4.29 6.89
CA SER A 10 7.10 3.34 7.73
C SER A 10 5.79 3.90 8.30
N SER A 11 5.80 5.14 8.75
CA SER A 11 4.59 5.78 9.25
C SER A 11 3.52 5.83 8.16
N TRP A 12 3.95 6.18 6.94
CA TRP A 12 3.01 6.37 5.84
C TRP A 12 2.36 5.05 5.51
N ILE A 13 3.17 4.00 5.34
CA ILE A 13 2.64 2.71 4.93
CA ILE A 13 2.65 2.70 4.93
C ILE A 13 1.81 2.04 6.04
N ILE A 14 2.23 2.20 7.29
CA ILE A 14 1.45 1.68 8.42
C ILE A 14 0.12 2.39 8.47
N ASN A 15 0.14 3.71 8.31
CA ASN A 15 -1.13 4.46 8.25
C ASN A 15 -2.00 4.04 7.05
N TRP A 16 -1.36 3.83 5.90
CA TRP A 16 -2.06 3.47 4.70
C TRP A 16 -2.86 2.17 4.90
N PHE A 17 -2.22 1.12 5.40
CA PHE A 17 -2.89 -0.17 5.46
C PHE A 17 -3.73 -0.35 6.71
N PHE A 18 -3.32 0.25 7.81
CA PHE A 18 -3.98 -0.05 9.10
C PHE A 18 -4.67 1.13 9.78
N GLY A 19 -4.42 2.36 9.31
CA GLY A 19 -5.02 3.56 9.89
C GLY A 19 -4.30 4.10 11.11
N PHE A 20 -3.19 3.47 11.48
CA PHE A 20 -2.49 3.75 12.72
C PHE A 20 -1.75 5.05 12.62
N ASN A 21 -1.69 5.80 13.71
CA ASN A 21 -0.89 7.04 13.77
C ASN A 21 0.50 6.90 14.40
N GLN A 22 0.90 5.66 14.71
CA GLN A 22 2.18 5.36 15.34
C GLN A 22 2.66 4.07 14.69
N ILE A 23 3.98 3.88 14.51
CA ILE A 23 4.54 2.66 13.95
C ILE A 23 4.52 1.63 15.09
N PRO A 24 3.93 0.42 14.88
CA PRO A 24 4.01 -0.61 15.93
C PRO A 24 5.46 -1.01 16.23
N THR A 25 5.68 -1.46 17.46
CA THR A 25 6.97 -2.00 17.84
C THR A 25 7.28 -3.18 16.95
N ASN A 26 8.56 -3.46 16.76
CA ASN A 26 8.93 -4.69 16.03
C ASN A 26 8.34 -5.93 16.67
N GLU A 27 8.29 -5.96 18.00
CA GLU A 27 7.71 -7.07 18.73
CA GLU A 27 7.72 -7.14 18.67
C GLU A 27 6.23 -7.28 18.34
N ASP A 28 5.47 -6.19 18.29
CA ASP A 28 4.07 -6.25 17.87
C ASP A 28 3.89 -6.66 16.42
N SER A 29 4.74 -6.15 15.53
CA SER A 29 4.68 -6.59 14.13
C SER A 29 4.90 -8.09 14.06
N SER A 30 5.87 -8.58 14.81
CA SER A 30 6.19 -10.00 14.88
C SER A 30 5.01 -10.86 15.36
N ILE A 31 4.45 -10.49 16.50
CA ILE A 31 3.32 -11.20 17.09
C ILE A 31 2.10 -11.15 16.16
N TYR A 32 1.83 -9.98 15.58
CA TYR A 32 0.74 -9.82 14.63
C TYR A 32 0.91 -10.78 13.44
N MSE A 33 2.10 -10.81 12.85
CA MSE A 33 2.37 -11.67 11.69
CA MSE A 33 2.31 -11.65 11.67
C MSE A 33 2.33 -13.14 12.05
O MSE A 33 1.86 -13.95 11.26
CB MSE A 33 3.70 -11.36 11.02
CB MSE A 33 3.53 -11.23 10.85
CG MSE A 33 3.67 -10.15 10.15
CG MSE A 33 3.60 -11.87 9.46
SE MSE A 33 2.30 -10.23 8.78
SE MSE A 33 1.91 -11.77 8.43
CE MSE A 33 2.51 -11.98 8.26
CE MSE A 33 2.25 -10.22 7.39
N LYS A 34 2.82 -13.49 13.24
CA LYS A 34 2.70 -14.87 13.71
C LYS A 34 1.23 -15.27 13.82
N SER A 35 0.39 -14.34 14.28
CA SER A 35 -1.04 -14.61 14.39
C SER A 35 -1.64 -14.84 13.00
N VAL A 36 -1.22 -14.01 12.05
CA VAL A 36 -1.72 -14.06 10.69
C VAL A 36 -1.35 -15.39 10.08
N LEU A 37 -0.08 -15.79 10.24
CA LEU A 37 0.38 -17.06 9.69
C LEU A 37 -0.33 -18.24 10.34
N THR A 38 -0.51 -18.19 11.66
CA THR A 38 -1.27 -19.22 12.35
C THR A 38 -2.69 -19.32 11.77
N CYS A 39 -3.30 -18.17 11.56
CA CYS A 39 -4.66 -18.07 11.04
CA CYS A 39 -4.65 -18.09 11.01
C CYS A 39 -4.76 -18.65 9.62
N ALA A 40 -3.86 -18.21 8.74
CA ALA A 40 -3.84 -18.68 7.35
C ALA A 40 -3.60 -20.20 7.31
N LYS A 41 -2.63 -20.67 8.09
CA LYS A 41 -2.31 -22.10 8.13
C LYS A 41 -3.46 -22.91 8.76
N ALA A 42 -4.02 -22.36 9.83
CA ALA A 42 -5.22 -22.89 10.47
C ALA A 42 -5.03 -24.36 10.81
N ASP A 43 -5.83 -25.24 10.24
CA ASP A 43 -5.64 -26.66 10.48
C ASP A 43 -4.45 -27.10 9.66
N GLY A 44 -4.50 -26.75 8.38
CA GLY A 44 -3.69 -27.40 7.38
C GLY A 44 -2.29 -26.90 7.24
N VAL A 45 -1.93 -26.52 6.01
CA VAL A 45 -0.62 -25.98 5.71
C VAL A 45 -0.75 -24.60 5.07
N ILE A 46 0.41 -23.97 4.94
CA ILE A 46 0.53 -22.70 4.27
C ILE A 46 1.59 -22.95 3.20
N SER A 47 1.28 -22.61 1.95
CA SER A 47 2.24 -22.81 0.86
C SER A 47 3.38 -21.79 0.90
N PRO A 48 4.51 -22.14 0.28
CA PRO A 48 5.62 -21.21 0.09
C PRO A 48 5.19 -19.87 -0.47
N GLU A 49 4.34 -19.91 -1.50
CA GLU A 49 3.86 -18.68 -2.10
C GLU A 49 3.05 -17.84 -1.12
N GLU A 50 2.20 -18.48 -0.33
CA GLU A 50 1.41 -17.79 0.67
C GLU A 50 2.35 -17.19 1.69
N LYS A 51 3.31 -17.99 2.17
CA LYS A 51 4.24 -17.47 3.20
C LYS A 51 5.08 -16.31 2.67
N ASP A 52 5.52 -16.43 1.41
CA ASP A 52 6.30 -15.38 0.78
C ASP A 52 5.55 -14.07 0.69
N TRP A 53 4.27 -14.12 0.34
CA TRP A 53 3.46 -12.90 0.32
C TRP A 53 3.36 -12.25 1.70
N ALA A 54 3.17 -13.08 2.72
CA ALA A 54 3.05 -12.59 4.10
C ALA A 54 4.35 -11.89 4.55
N LEU A 55 5.50 -12.52 4.26
CA LEU A 55 6.81 -11.98 4.61
C LEU A 55 7.08 -10.68 3.88
N GLY A 56 6.66 -10.62 2.61
CA GLY A 56 6.85 -9.42 1.81
C GLY A 56 5.99 -8.26 2.34
N PHE A 57 4.77 -8.58 2.73
CA PHE A 57 3.85 -7.60 3.29
C PHE A 57 4.47 -7.07 4.58
N CYS A 58 4.99 -7.96 5.42
CA CYS A 58 5.58 -7.57 6.68
C CYS A 58 6.84 -6.73 6.45
N ALA A 59 7.69 -7.17 5.52
CA ALA A 59 8.94 -6.43 5.22
C ALA A 59 8.66 -5.02 4.75
N SER A 60 7.57 -4.82 3.99
CA SER A 60 7.24 -3.52 3.43
C SER A 60 7.06 -2.49 4.51
N TRP A 61 6.65 -2.89 5.72
CA TRP A 61 6.44 -1.89 6.79
C TRP A 61 7.74 -1.35 7.35
N GLY A 62 8.85 -1.91 6.93
CA GLY A 62 10.18 -1.45 7.40
C GLY A 62 10.60 -1.99 8.75
N VAL A 63 9.97 -3.10 9.16
CA VAL A 63 10.39 -3.83 10.39
C VAL A 63 11.88 -4.16 10.40
N ALA A 64 12.44 -4.24 11.61
CA ALA A 64 13.82 -4.70 11.79
C ALA A 64 14.00 -6.05 11.13
N ASP A 65 15.20 -6.32 10.60
CA ASP A 65 15.52 -7.58 9.93
C ASP A 65 15.25 -8.82 10.77
N TRP A 66 15.52 -8.73 12.08
CA TRP A 66 15.23 -9.88 12.93
C TRP A 66 13.79 -10.39 12.76
N VAL A 67 12.83 -9.48 12.54
CA VAL A 67 11.44 -9.89 12.48
C VAL A 67 11.24 -10.85 11.31
N ILE A 68 11.80 -10.50 10.16
CA ILE A 68 11.65 -11.33 8.97
C ILE A 68 12.45 -12.63 9.07
N GLU A 69 13.68 -12.54 9.54
CA GLU A 69 14.48 -13.75 9.71
C GLU A 69 13.79 -14.76 10.64
N ASP A 70 13.21 -14.23 11.71
CA ASP A 70 12.50 -15.08 12.70
C ASP A 70 11.17 -15.64 12.15
N LEU A 71 10.46 -14.88 11.32
CA LEU A 71 9.28 -15.42 10.63
C LEU A 71 9.64 -16.52 9.64
N LYS A 72 10.78 -16.39 8.96
CA LYS A 72 11.22 -17.41 8.01
C LYS A 72 11.32 -18.79 8.63
N THR A 73 11.81 -18.87 9.87
CA THR A 73 11.99 -20.14 10.59
C THR A 73 10.78 -20.51 11.48
N TYR A 74 9.81 -19.63 11.55
CA TYR A 74 8.68 -19.85 12.43
C TYR A 74 7.75 -20.92 11.89
N GLU A 75 7.47 -21.88 12.75
CA GLU A 75 6.52 -22.92 12.49
C GLU A 75 5.23 -22.49 13.17
N ALA A 76 4.24 -22.17 12.37
CA ALA A 76 3.02 -21.56 12.87
C ALA A 76 2.09 -22.65 13.40
N ASP A 77 2.56 -23.35 14.42
CA ASP A 77 1.83 -24.46 14.99
C ASP A 77 1.39 -24.20 16.43
N GLU A 78 1.44 -22.94 16.85
CA GLU A 78 1.00 -22.56 18.20
C GLU A 78 -0.49 -22.27 18.24
N ALA A 79 -1.08 -22.19 19.44
CA ALA A 79 -2.50 -21.89 19.55
C ALA A 79 -2.71 -20.40 19.31
N LEU A 80 -3.60 -20.06 18.38
CA LEU A 80 -3.80 -18.67 17.95
C LEU A 80 -4.15 -17.76 19.14
N GLU A 81 -5.01 -18.25 20.03
CA GLU A 81 -5.38 -17.44 21.20
C GLU A 81 -4.21 -17.14 22.13
N GLU A 82 -3.26 -18.07 22.20
CA GLU A 82 -2.06 -17.87 23.01
C GLU A 82 -1.12 -16.86 22.35
N VAL A 83 -1.01 -16.91 21.04
CA VAL A 83 -0.16 -15.99 20.34
C VAL A 83 -0.63 -14.53 20.55
N ILE A 84 -1.92 -14.29 20.31
CA ILE A 84 -2.46 -12.92 20.36
C ILE A 84 -2.34 -12.33 21.76
N ALA A 85 -2.42 -13.19 22.77
CA ALA A 85 -2.35 -12.78 24.18
C ALA A 85 -0.94 -12.32 24.60
N ARG A 86 0.04 -12.51 23.72
CA ARG A 86 1.37 -12.01 23.97
C ARG A 86 1.44 -10.49 23.89
N SER A 87 0.42 -9.84 23.30
CA SER A 87 0.40 -8.39 23.18
C SER A 87 -0.98 -7.77 23.37
N PRO A 88 -1.09 -6.74 24.23
CA PRO A 88 -2.39 -6.07 24.32
C PRO A 88 -2.88 -5.43 23.03
N GLN A 89 -1.95 -5.02 22.17
CA GLN A 89 -2.26 -4.40 20.89
C GLN A 89 -2.72 -5.44 19.90
N VAL A 90 -2.00 -6.55 19.81
CA VAL A 90 -2.44 -7.62 18.92
C VAL A 90 -3.81 -8.21 19.38
N SER A 91 -4.05 -8.14 20.68
CA SER A 91 -5.28 -8.64 21.25
C SER A 91 -6.48 -7.71 20.95
N MSE A 92 -6.28 -6.62 20.21
CA MSE A 92 -7.34 -5.76 19.69
C MSE A 92 -7.54 -5.95 18.16
O MSE A 92 -8.42 -5.32 17.56
CB MSE A 92 -7.01 -4.29 19.96
CG MSE A 92 -6.80 -3.99 21.39
SE MSE A 92 -6.16 -2.19 21.75
CE MSE A 92 -7.32 -1.55 20.83
N ALA A 93 -6.71 -6.81 17.57
CA ALA A 93 -6.47 -6.83 16.14
C ALA A 93 -7.16 -7.99 15.44
N GLN A 94 -8.18 -8.57 16.07
CA GLN A 94 -8.79 -9.81 15.57
C GLN A 94 -9.26 -9.71 14.12
N ARG A 95 -9.99 -8.65 13.77
CA ARG A 95 -10.52 -8.53 12.41
C ARG A 95 -9.41 -8.24 11.40
N ASP A 96 -8.45 -7.46 11.85
CA ASP A 96 -7.28 -7.08 11.08
C ASP A 96 -6.48 -8.35 10.75
N ILE A 97 -6.24 -9.18 11.76
CA ILE A 97 -5.52 -10.41 11.57
C ILE A 97 -6.25 -11.27 10.51
N LEU A 98 -7.56 -11.39 10.66
CA LEU A 98 -8.37 -12.27 9.76
C LEU A 98 -8.28 -11.83 8.33
N LEU A 99 -8.40 -10.51 8.10
CA LEU A 99 -8.32 -9.94 6.78
C LEU A 99 -6.98 -10.18 6.13
N SER A 100 -5.90 -9.97 6.86
CA SER A 100 -4.57 -10.31 6.34
C SER A 100 -4.45 -11.80 6.04
N ALA A 101 -5.00 -12.64 6.92
CA ALA A 101 -4.99 -14.09 6.70
C ALA A 101 -5.73 -14.49 5.42
N ILE A 102 -6.85 -13.83 5.17
CA ILE A 102 -7.60 -14.03 3.91
C ILE A 102 -6.74 -13.68 2.71
N TRP A 103 -6.10 -12.51 2.75
CA TRP A 103 -5.22 -12.06 1.67
C TRP A 103 -4.04 -13.01 1.47
N VAL A 104 -3.45 -13.46 2.58
CA VAL A 104 -2.38 -14.45 2.49
C VAL A 104 -2.85 -15.76 1.81
N SER A 105 -4.00 -16.25 2.21
CA SER A 105 -4.56 -17.47 1.68
C SER A 105 -4.86 -17.29 0.18
N ALA A 106 -5.26 -16.11 -0.21
CA ALA A 106 -5.57 -15.83 -1.62
C ALA A 106 -4.31 -15.72 -2.49
N ALA A 107 -3.12 -15.61 -1.89
CA ALA A 107 -1.89 -15.25 -2.62
C ALA A 107 -1.49 -16.31 -3.63
N ASP A 108 -1.85 -17.55 -3.35
CA ASP A 108 -1.50 -18.66 -4.22
C ASP A 108 -2.70 -19.16 -5.03
N GLY A 109 -3.72 -18.32 -5.18
CA GLY A 109 -4.92 -18.67 -5.94
C GLY A 109 -6.21 -18.38 -5.20
N GLU A 110 -7.30 -18.30 -5.95
CA GLU A 110 -8.61 -17.95 -5.37
C GLU A 110 -9.01 -18.88 -4.22
N LEU A 111 -9.69 -18.32 -3.22
CA LEU A 111 -10.02 -19.09 -2.01
C LEU A 111 -10.93 -20.29 -2.28
N HIS A 112 -10.47 -21.45 -1.88
CA HIS A 112 -11.22 -22.69 -2.01
C HIS A 112 -12.17 -22.82 -0.81
N GLU A 113 -13.11 -23.78 -0.85
CA GLU A 113 -13.99 -24.03 0.29
C GLU A 113 -13.22 -24.43 1.54
N LYS A 114 -12.14 -25.18 1.36
CA LYS A 114 -11.25 -25.52 2.48
C LYS A 114 -10.77 -24.26 3.21
N GLU A 115 -10.26 -23.30 2.44
CA GLU A 115 -9.69 -22.09 3.03
C GLU A 115 -10.81 -21.24 3.66
N LYS A 116 -11.98 -21.22 3.04
CA LYS A 116 -13.10 -20.52 3.66
C LYS A 116 -13.52 -21.17 5.00
N ALA A 117 -13.46 -22.50 5.04
CA ALA A 117 -13.75 -23.28 6.26
C ALA A 117 -12.73 -22.98 7.40
N LYS A 118 -11.44 -23.02 7.04
CA LYS A 118 -10.34 -22.63 7.95
C LYS A 118 -10.55 -21.26 8.56
N ILE A 119 -10.83 -20.28 7.70
CA ILE A 119 -10.96 -18.90 8.15
C ILE A 119 -12.07 -18.78 9.15
N ARG A 120 -13.16 -19.52 8.94
CA ARG A 120 -14.28 -19.45 9.86
C ARG A 120 -13.93 -20.11 11.20
N LYS A 121 -13.19 -21.22 11.14
CA LYS A 121 -12.71 -21.89 12.36
C LYS A 121 -11.84 -20.96 13.18
N MSE A 122 -11.01 -20.17 12.50
CA MSE A 122 -10.13 -19.21 13.17
C MSE A 122 -10.92 -18.02 13.70
O MSE A 122 -10.69 -17.57 14.83
CB MSE A 122 -9.02 -18.71 12.25
CG MSE A 122 -8.02 -19.75 11.82
SE MSE A 122 -7.17 -20.71 13.34
CE MSE A 122 -7.40 -22.31 12.76
N ALA A 123 -11.87 -17.54 12.90
CA ALA A 123 -12.76 -16.45 13.35
C ALA A 123 -13.53 -16.84 14.60
N THR A 124 -13.94 -18.11 14.70
CA THR A 124 -14.58 -18.58 15.92
C THR A 124 -13.62 -18.47 17.13
N ILE A 125 -12.40 -18.94 16.93
CA ILE A 125 -11.34 -18.82 17.95
C ILE A 125 -11.11 -17.37 18.33
N LEU A 126 -11.07 -16.51 17.32
CA LEU A 126 -10.92 -15.07 17.52
C LEU A 126 -12.17 -14.36 18.04
N GLY A 127 -13.32 -15.03 18.09
CA GLY A 127 -14.55 -14.42 18.56
C GLY A 127 -15.25 -13.48 17.59
N ILE A 128 -14.96 -13.65 16.31
CA ILE A 128 -15.54 -12.80 15.24
C ILE A 128 -16.82 -13.47 14.74
N LYS A 129 -17.92 -12.72 14.72
CA LYS A 129 -19.22 -13.24 14.25
C LYS A 129 -19.22 -13.47 12.74
N GLU A 130 -20.01 -14.45 12.31
CA GLU A 130 -20.08 -14.82 10.89
C GLU A 130 -20.39 -13.64 9.99
N GLU A 131 -21.32 -12.78 10.39
CA GLU A 131 -21.63 -11.63 9.55
C GLU A 131 -20.38 -10.81 9.27
N ILE A 132 -19.51 -10.69 10.28
CA ILE A 132 -18.29 -9.91 10.13
C ILE A 132 -17.29 -10.65 9.23
N VAL A 133 -17.11 -11.94 9.47
CA VAL A 133 -16.32 -12.78 8.56
C VAL A 133 -16.76 -12.58 7.08
N ASP A 134 -18.05 -12.73 6.81
CA ASP A 134 -18.59 -12.55 5.46
C ASP A 134 -18.24 -11.16 4.90
N GLN A 135 -18.33 -10.14 5.74
CA GLN A 135 -17.98 -8.78 5.32
C GLN A 135 -16.50 -8.62 5.00
N LEU A 136 -15.65 -9.29 5.78
CA LEU A 136 -14.21 -9.21 5.58
C LEU A 136 -13.82 -9.91 4.29
N GLU A 137 -14.44 -11.07 4.02
CA GLU A 137 -14.22 -11.76 2.75
C GLU A 137 -14.64 -10.90 1.56
N GLN A 138 -15.79 -10.25 1.69
CA GLN A 138 -16.29 -9.39 0.65
C GLN A 138 -15.35 -8.22 0.41
N LEU A 139 -14.87 -7.63 1.49
CA LEU A 139 -13.92 -6.54 1.41
C LEU A 139 -12.65 -6.98 0.63
N TYR A 140 -12.10 -8.13 0.98
CA TYR A 140 -11.02 -8.76 0.21
C TYR A 140 -11.37 -8.79 -1.30
N TYR A 141 -12.52 -9.35 -1.65
CA TYR A 141 -12.83 -9.53 -3.09
C TYR A 141 -12.88 -8.19 -3.78
N TYR A 142 -13.50 -7.20 -3.12
CA TYR A 142 -13.60 -5.84 -3.66
C TYR A 142 -12.24 -5.16 -3.77
N GLU A 143 -11.40 -5.32 -2.74
CA GLU A 143 -10.06 -4.74 -2.77
C GLU A 143 -9.21 -5.33 -3.90
N ALA A 144 -9.26 -6.66 -4.03
CA ALA A 144 -8.52 -7.38 -5.06
C ALA A 144 -8.98 -6.95 -6.45
N ALA A 145 -10.30 -6.86 -6.63
CA ALA A 145 -10.89 -6.43 -7.90
C ALA A 145 -10.55 -4.99 -8.29
N LEU A 146 -10.57 -4.10 -7.32
CA LEU A 146 -10.29 -2.69 -7.55
C LEU A 146 -8.80 -2.49 -7.88
N ARG A 147 -7.93 -3.27 -7.25
CA ARG A 147 -6.51 -3.22 -7.58
C ARG A 147 -6.27 -3.65 -9.00
N GLN A 148 -6.93 -4.73 -9.43
CA GLN A 148 -6.83 -5.19 -10.80
C GLN A 148 -7.29 -4.13 -11.80
N LYS A 149 -8.40 -3.48 -11.47
CA LYS A 149 -8.94 -2.38 -12.26
C LYS A 149 -7.94 -1.22 -12.36
N ARG A 150 -7.33 -0.84 -11.25
CA ARG A 150 -6.28 0.18 -11.21
CA ARG A 150 -6.29 0.18 -11.25
C ARG A 150 -5.17 -0.20 -12.21
N LEU A 151 -4.62 -1.38 -12.03
CA LEU A 151 -3.43 -1.78 -12.82
C LEU A 151 -3.75 -1.80 -14.31
N ASN A 152 -4.93 -2.30 -14.66
CA ASN A 152 -5.34 -2.37 -16.07
C ASN A 152 -5.61 -1.00 -16.69
N LEU A 153 -6.07 -0.06 -15.88
CA LEU A 153 -6.26 1.33 -16.30
C LEU A 153 -4.89 2.06 -16.46
N LEU A 154 -3.96 1.83 -15.54
CA LEU A 154 -2.66 2.52 -15.61
C LEU A 154 -1.83 1.99 -16.75
N TYR A 155 -1.86 0.66 -16.91
CA TYR A 155 -1.00 -0.01 -17.89
C TYR A 155 -1.76 -1.06 -18.67
N PRO A 156 -2.57 -0.60 -19.61
CA PRO A 156 -3.41 -1.52 -20.38
C PRO A 156 -2.64 -2.43 -21.31
N GLN A 157 -1.49 -1.95 -21.76
CA GLN A 157 -0.66 -2.71 -22.69
C GLN A 157 0.66 -3.00 -21.98
N LYS A 158 1.75 -2.31 -22.33
CA LYS A 158 3.05 -2.62 -21.71
C LYS A 158 3.17 -1.86 -20.38
N SER A 159 4.00 -2.41 -19.50
CA SER A 159 4.36 -1.76 -18.24
C SER A 159 5.87 -1.54 -18.25
N PRO A 160 6.36 -0.43 -17.67
CA PRO A 160 7.83 -0.12 -17.71
C PRO A 160 8.68 -1.03 -16.86
N TYR A 161 8.08 -1.60 -15.82
CA TYR A 161 8.77 -2.52 -14.93
C TYR A 161 7.86 -3.69 -14.58
N MSE B 2 20.71 -3.13 -2.08
CA MSE B 2 19.67 -3.58 -1.10
C MSE B 2 19.94 -4.97 -0.55
O MSE B 2 20.36 -5.87 -1.28
CB MSE B 2 18.30 -3.66 -1.77
CG MSE B 2 17.61 -2.35 -1.99
SE MSE B 2 15.86 -2.77 -2.69
CE MSE B 2 14.99 -0.92 -2.52
N SER B 3 19.65 -5.17 0.73
CA SER B 3 19.67 -6.51 1.30
C SER B 3 18.52 -7.33 0.71
N ASP B 4 18.62 -8.64 0.88
CA ASP B 4 17.57 -9.53 0.43
C ASP B 4 16.23 -9.21 1.09
N ILE B 5 16.27 -8.83 2.36
CA ILE B 5 15.03 -8.50 3.10
C ILE B 5 14.46 -7.18 2.58
N LYS B 6 15.33 -6.19 2.37
CA LYS B 6 14.91 -4.94 1.78
C LYS B 6 14.27 -5.18 0.40
N LYS B 7 14.90 -6.00 -0.41
CA LYS B 7 14.36 -6.31 -1.72
C LYS B 7 13.01 -6.97 -1.59
N LEU B 8 12.88 -7.86 -0.62
CA LEU B 8 11.60 -8.52 -0.36
C LEU B 8 10.49 -7.51 -0.16
N GLY B 9 10.70 -6.55 0.73
CA GLY B 9 9.66 -5.56 1.07
C GLY B 9 9.42 -4.55 -0.05
N SER B 10 10.51 -4.07 -0.66
CA SER B 10 10.38 -3.14 -1.76
C SER B 10 9.72 -3.82 -2.96
N SER B 11 10.12 -5.05 -3.29
CA SER B 11 9.44 -5.73 -4.37
C SER B 11 7.96 -5.83 -4.11
N TRP B 12 7.61 -6.20 -2.88
CA TRP B 12 6.22 -6.45 -2.55
C TRP B 12 5.39 -5.16 -2.74
N ILE B 13 5.87 -4.06 -2.17
CA ILE B 13 5.09 -2.83 -2.18
C ILE B 13 5.06 -2.20 -3.60
N ILE B 14 6.15 -2.31 -4.35
CA ILE B 14 6.14 -1.84 -5.74
C ILE B 14 5.13 -2.64 -6.57
N ASN B 15 5.13 -3.96 -6.40
CA ASN B 15 4.12 -4.78 -7.09
C ASN B 15 2.70 -4.42 -6.64
N TRP B 16 2.53 -4.20 -5.33
CA TRP B 16 1.24 -3.91 -4.77
C TRP B 16 0.61 -2.67 -5.42
N PHE B 17 1.32 -1.55 -5.45
CA PHE B 17 0.77 -0.30 -5.96
C PHE B 17 0.79 -0.19 -7.48
N PHE B 18 1.80 -0.76 -8.14
CA PHE B 18 2.03 -0.45 -9.59
C PHE B 18 2.01 -1.71 -10.46
N GLY B 19 1.99 -2.90 -9.84
CA GLY B 19 1.94 -4.12 -10.63
C GLY B 19 3.28 -4.54 -11.22
N PHE B 20 4.35 -3.82 -10.87
CA PHE B 20 5.64 -4.06 -11.44
C PHE B 20 6.26 -5.33 -10.89
N ASN B 21 7.04 -5.99 -11.75
CA ASN B 21 7.77 -7.20 -11.34
C ASN B 21 9.24 -6.98 -10.98
N GLN B 22 9.70 -5.74 -11.04
CA GLN B 22 11.08 -5.38 -10.81
C GLN B 22 11.01 -4.07 -10.04
N ILE B 23 11.96 -3.83 -9.14
CA ILE B 23 12.01 -2.57 -8.41
C ILE B 23 12.59 -1.51 -9.35
N PRO B 24 11.91 -0.36 -9.52
CA PRO B 24 12.55 0.66 -10.33
C PRO B 24 13.88 1.17 -9.76
N THR B 25 14.73 1.69 -10.64
CA THR B 25 15.97 2.30 -10.19
C THR B 25 15.59 3.53 -9.31
N ASN B 26 16.46 3.87 -8.38
CA ASN B 26 16.28 5.09 -7.59
C ASN B 26 16.14 6.33 -8.45
N GLU B 27 16.88 6.40 -9.54
CA GLU B 27 16.75 7.51 -10.47
C GLU B 27 15.35 7.61 -11.09
N ASP B 28 14.78 6.47 -11.49
CA ASP B 28 13.42 6.44 -12.01
C ASP B 28 12.37 6.77 -10.96
N SER B 29 12.53 6.26 -9.75
CA SER B 29 11.65 6.67 -8.66
C SER B 29 11.68 8.18 -8.47
N SER B 30 12.88 8.78 -8.53
CA SER B 30 13.08 10.20 -8.39
C SER B 30 12.37 10.99 -9.49
N ILE B 31 12.66 10.59 -10.73
CA ILE B 31 12.05 11.22 -11.88
C ILE B 31 10.51 11.08 -11.88
N TYR B 32 10.01 9.90 -11.54
CA TYR B 32 8.58 9.69 -11.39
C TYR B 32 7.97 10.68 -10.36
N MSE B 33 8.57 10.75 -9.18
CA MSE B 33 8.02 11.56 -8.11
CA MSE B 33 7.95 11.55 -8.13
C MSE B 33 8.11 13.05 -8.41
O MSE B 33 7.24 13.81 -8.08
CB MSE B 33 8.73 11.28 -6.78
CB MSE B 33 8.47 11.18 -6.73
CG MSE B 33 8.23 10.07 -6.08
CG MSE B 33 7.68 11.83 -5.59
SE MSE B 33 6.31 10.10 -5.78
SE MSE B 33 5.73 11.70 -5.70
CE MSE B 33 6.06 11.93 -5.42
CE MSE B 33 5.37 10.06 -4.67
N LYS B 34 9.21 13.46 -9.06
CA LYS B 34 9.30 14.84 -9.53
C LYS B 34 8.20 15.17 -10.55
N SER B 35 7.84 14.21 -11.38
CA SER B 35 6.75 14.36 -12.35
C SER B 35 5.42 14.50 -11.58
N VAL B 36 5.20 13.65 -10.57
CA VAL B 36 3.98 13.68 -9.77
C VAL B 36 3.85 15.01 -9.05
N LEU B 37 4.95 15.47 -8.44
CA LEU B 37 4.94 16.77 -7.75
C LEU B 37 4.67 17.93 -8.71
N THR B 38 5.28 17.87 -9.90
CA THR B 38 5.04 18.87 -10.94
C THR B 38 3.57 18.90 -11.37
N CYS B 39 3.00 17.70 -11.52
CA CYS B 39 1.60 17.53 -11.91
CA CYS B 39 1.59 17.53 -11.86
C CYS B 39 0.64 18.07 -10.83
N ALA B 40 0.86 17.65 -9.58
CA ALA B 40 0.07 18.10 -8.47
C ALA B 40 0.11 19.63 -8.31
N LYS B 41 1.31 20.20 -8.35
CA LYS B 41 1.49 21.64 -8.26
C LYS B 41 0.88 22.33 -9.51
N ALA B 42 1.12 21.73 -10.68
CA ALA B 42 0.53 22.09 -11.96
C ALA B 42 0.61 23.59 -12.17
N ASP B 43 -0.55 24.25 -12.20
CA ASP B 43 -0.60 25.69 -12.30
C ASP B 43 0.17 26.36 -11.18
N GLY B 44 -0.12 25.93 -9.95
CA GLY B 44 0.03 26.83 -8.82
C GLY B 44 0.95 26.42 -7.69
N VAL B 45 0.36 25.93 -6.62
CA VAL B 45 1.07 25.67 -5.38
C VAL B 45 0.78 24.25 -4.88
N ILE B 46 1.70 23.75 -4.06
CA ILE B 46 1.58 22.44 -3.45
C ILE B 46 1.76 22.67 -1.95
N SER B 47 0.77 22.28 -1.15
CA SER B 47 0.85 22.51 0.28
C SER B 47 1.84 21.56 0.99
N PRO B 48 2.37 21.99 2.13
CA PRO B 48 3.21 21.10 2.93
C PRO B 48 2.57 19.75 3.19
N GLU B 49 1.28 19.71 3.51
CA GLU B 49 0.64 18.44 3.75
C GLU B 49 0.60 17.59 2.48
N GLU B 50 0.32 18.21 1.33
CA GLU B 50 0.33 17.45 0.07
C GLU B 50 1.73 16.88 -0.18
N LYS B 51 2.73 17.73 -0.02
CA LYS B 51 4.11 17.28 -0.28
C LYS B 51 4.56 16.20 0.69
N ASP B 52 4.18 16.32 1.95
CA ASP B 52 4.50 15.31 2.96
C ASP B 52 3.88 13.94 2.59
N TRP B 53 2.65 13.95 2.10
CA TRP B 53 2.02 12.69 1.69
C TRP B 53 2.81 12.07 0.54
N ALA B 54 3.19 12.90 -0.43
CA ALA B 54 3.97 12.46 -1.61
C ALA B 54 5.30 11.81 -1.17
N LEU B 55 6.01 12.49 -0.27
CA LEU B 55 7.31 12.02 0.22
C LEU B 55 7.21 10.72 1.00
N GLY B 56 6.16 10.62 1.77
CA GLY B 56 5.89 9.40 2.56
C GLY B 56 5.52 8.25 1.66
N PHE B 57 4.71 8.51 0.63
CA PHE B 57 4.37 7.50 -0.41
C PHE B 57 5.66 6.97 -1.07
N CYS B 58 6.50 7.88 -1.51
CA CYS B 58 7.77 7.54 -2.14
C CYS B 58 8.69 6.76 -1.18
N ALA B 59 8.83 7.27 0.04
CA ALA B 59 9.67 6.64 1.03
C ALA B 59 9.18 5.20 1.33
N SER B 60 7.86 4.97 1.28
CA SER B 60 7.32 3.63 1.54
C SER B 60 7.80 2.60 0.54
N TRP B 61 8.27 3.02 -0.66
CA TRP B 61 8.77 2.03 -1.61
C TRP B 61 10.17 1.49 -1.28
N GLY B 62 10.82 2.06 -0.28
CA GLY B 62 12.16 1.65 0.13
C GLY B 62 13.28 2.24 -0.71
N VAL B 63 12.99 3.36 -1.38
CA VAL B 63 13.98 4.12 -2.15
C VAL B 63 15.16 4.50 -1.24
N ALA B 64 16.32 4.69 -1.85
CA ALA B 64 17.49 5.22 -1.18
C ALA B 64 17.17 6.57 -0.57
N ASP B 65 17.81 6.87 0.55
CA ASP B 65 17.58 8.13 1.26
C ASP B 65 17.80 9.34 0.38
N TRP B 66 18.80 9.30 -0.49
CA TRP B 66 19.07 10.41 -1.37
C TRP B 66 17.88 10.90 -2.17
N VAL B 67 17.02 9.97 -2.55
CA VAL B 67 15.85 10.30 -3.33
C VAL B 67 14.95 11.24 -2.50
N ILE B 68 14.71 10.86 -1.26
CA ILE B 68 13.83 11.65 -0.39
C ILE B 68 14.47 13.00 -0.03
N GLU B 69 15.75 13.00 0.30
CA GLU B 69 16.45 14.23 0.67
C GLU B 69 16.41 15.26 -0.46
N ASP B 70 16.63 14.78 -1.66
CA ASP B 70 16.54 15.58 -2.86
C ASP B 70 15.13 16.06 -3.17
N LEU B 71 14.12 15.20 -3.00
CA LEU B 71 12.72 15.65 -3.20
C LEU B 71 12.34 16.76 -2.20
N LYS B 72 12.86 16.67 -0.98
CA LYS B 72 12.61 17.71 0.02
C LYS B 72 12.96 19.11 -0.42
N THR B 73 14.07 19.28 -1.15
CA THR B 73 14.52 20.59 -1.60
C THR B 73 14.13 20.91 -3.05
N TYR B 74 13.49 19.96 -3.72
CA TYR B 74 13.12 20.13 -5.11
C TYR B 74 11.99 21.13 -5.25
N GLU B 75 12.22 22.08 -6.14
CA GLU B 75 11.23 23.05 -6.48
C GLU B 75 10.63 22.56 -7.79
N ALA B 76 9.35 22.18 -7.72
CA ALA B 76 8.67 21.54 -8.84
C ALA B 76 8.23 22.61 -9.84
N ASP B 77 9.21 23.30 -10.38
CA ASP B 77 8.99 24.44 -11.26
CA ASP B 77 8.99 24.45 -11.27
C ASP B 77 9.38 24.14 -12.71
N GLU B 78 9.66 22.88 -13.02
CA GLU B 78 10.10 22.50 -14.38
C GLU B 78 8.88 22.16 -15.27
N ALA B 79 9.10 22.03 -16.58
CA ALA B 79 8.00 21.63 -17.46
C ALA B 79 7.76 20.12 -17.30
N LEU B 80 6.51 19.73 -17.10
CA LEU B 80 6.16 18.32 -16.85
C LEU B 80 6.66 17.37 -17.94
N GLU B 81 6.50 17.76 -19.21
CA GLU B 81 6.95 16.89 -20.31
C GLU B 81 8.48 16.74 -20.34
N GLU B 82 9.22 17.76 -19.91
CA GLU B 82 10.68 17.71 -19.84
C GLU B 82 11.11 16.76 -18.72
N VAL B 83 10.41 16.79 -17.58
CA VAL B 83 10.80 15.90 -16.48
C VAL B 83 10.58 14.46 -16.89
N ILE B 84 9.44 14.15 -17.48
CA ILE B 84 9.12 12.77 -17.79
CA ILE B 84 9.10 12.76 -17.80
C ILE B 84 10.06 12.21 -18.86
N ALA B 85 10.48 13.07 -19.80
CA ALA B 85 11.36 12.66 -20.89
C ALA B 85 12.75 12.25 -20.43
N ARG B 86 13.06 12.50 -19.16
CA ARG B 86 14.37 12.12 -18.62
C ARG B 86 14.50 10.60 -18.46
N SER B 87 13.39 9.85 -18.50
CA SER B 87 13.40 8.39 -18.41
C SER B 87 12.44 7.71 -19.41
N PRO B 88 12.93 6.69 -20.14
CA PRO B 88 12.02 5.95 -21.02
C PRO B 88 10.92 5.24 -20.24
N GLN B 89 11.21 4.86 -19.00
CA GLN B 89 10.22 4.20 -18.13
C GLN B 89 9.19 5.19 -17.64
N VAL B 90 9.62 6.35 -17.16
CA VAL B 90 8.66 7.33 -16.71
C VAL B 90 7.82 7.87 -17.87
N SER B 91 8.39 7.88 -19.08
CA SER B 91 7.66 8.28 -20.28
C SER B 91 6.52 7.33 -20.72
N MSE B 92 6.39 6.18 -20.07
CA MSE B 92 5.26 5.25 -20.24
C MSE B 92 4.23 5.41 -19.13
O MSE B 92 3.21 4.73 -19.15
CB MSE B 92 5.73 3.82 -20.20
CG MSE B 92 6.65 3.42 -21.26
SE MSE B 92 7.24 1.61 -21.07
CE MSE B 92 5.74 0.88 -20.94
N ALA B 93 4.51 6.26 -18.16
CA ALA B 93 3.81 6.26 -16.87
C ALA B 93 2.81 7.40 -16.74
N GLN B 94 2.32 7.94 -17.85
CA GLN B 94 1.52 9.17 -17.79
C GLN B 94 0.26 9.00 -16.92
N ARG B 95 -0.46 7.91 -17.12
CA ARG B 95 -1.70 7.73 -16.32
C ARG B 95 -1.39 7.48 -14.84
N ASP B 96 -0.36 6.68 -14.60
CA ASP B 96 0.19 6.41 -13.26
C ASP B 96 0.56 7.73 -12.55
N ILE B 97 1.32 8.58 -13.22
CA ILE B 97 1.67 9.88 -12.65
C ILE B 97 0.37 10.64 -12.31
N LEU B 98 -0.59 10.68 -13.24
CA LEU B 98 -1.79 11.51 -12.99
C LEU B 98 -2.55 10.98 -11.80
N LEU B 99 -2.66 9.66 -11.64
CA LEU B 99 -3.40 9.10 -10.50
C LEU B 99 -2.70 9.45 -9.18
N SER B 100 -1.39 9.30 -9.14
CA SER B 100 -0.64 9.69 -7.94
C SER B 100 -0.82 11.19 -7.66
N ALA B 101 -0.79 12.03 -8.70
CA ALA B 101 -1.00 13.47 -8.54
C ALA B 101 -2.39 13.78 -7.96
N ILE B 102 -3.39 12.99 -8.34
CA ILE B 102 -4.75 13.15 -7.82
C ILE B 102 -4.78 12.84 -6.32
N TRP B 103 -4.16 11.72 -5.95
CA TRP B 103 -4.04 11.35 -4.53
C TRP B 103 -3.29 12.40 -3.73
N VAL B 104 -2.20 12.91 -4.29
CA VAL B 104 -1.45 13.94 -3.61
C VAL B 104 -2.30 15.19 -3.36
N SER B 105 -3.03 15.62 -4.38
CA SER B 105 -3.89 16.77 -4.28
C SER B 105 -4.96 16.58 -3.21
N ALA B 106 -5.47 15.36 -3.12
CA ALA B 106 -6.53 15.05 -2.15
C ALA B 106 -6.00 14.94 -0.72
N ALA B 107 -4.68 14.91 -0.52
CA ALA B 107 -4.09 14.61 0.82
C ALA B 107 -4.47 15.66 1.85
N ASP B 108 -4.62 16.90 1.39
CA ASP B 108 -4.95 18.01 2.28
C ASP B 108 -6.43 18.40 2.17
N GLY B 109 -7.27 17.49 1.70
CA GLY B 109 -8.70 17.71 1.61
C GLY B 109 -9.32 17.42 0.26
N GLU B 110 -10.64 17.25 0.25
CA GLU B 110 -11.36 16.88 -0.95
C GLU B 110 -10.97 17.78 -2.13
N LEU B 111 -10.91 17.22 -3.33
CA LEU B 111 -10.53 17.98 -4.52
C LEU B 111 -11.47 19.14 -4.82
N HIS B 112 -10.92 20.35 -4.93
CA HIS B 112 -11.69 21.52 -5.32
C HIS B 112 -11.78 21.57 -6.85
N GLU B 113 -12.63 22.43 -7.41
CA GLU B 113 -12.68 22.52 -8.87
CA GLU B 113 -12.70 22.61 -8.86
C GLU B 113 -11.36 23.11 -9.40
N LYS B 114 -10.66 23.92 -8.61
CA LYS B 114 -9.32 24.40 -8.96
C LYS B 114 -8.35 23.23 -9.21
N GLU B 115 -8.33 22.25 -8.29
CA GLU B 115 -7.50 21.06 -8.43
C GLU B 115 -7.97 20.20 -9.62
N LYS B 116 -9.26 20.08 -9.80
CA LYS B 116 -9.77 19.33 -10.94
C LYS B 116 -9.37 19.98 -12.27
N ALA B 117 -9.40 21.33 -12.29
CA ALA B 117 -8.94 22.10 -13.46
C ALA B 117 -7.44 21.91 -13.77
N LYS B 118 -6.61 21.98 -12.74
CA LYS B 118 -5.15 21.66 -12.84
C LYS B 118 -4.87 20.29 -13.45
N ILE B 119 -5.52 19.27 -12.89
CA ILE B 119 -5.41 17.87 -13.29
CA ILE B 119 -5.29 17.92 -13.32
C ILE B 119 -5.66 17.74 -14.79
N ARG B 120 -6.67 18.44 -15.26
CA ARG B 120 -7.00 18.36 -16.68
C ARG B 120 -5.97 19.08 -17.54
N LYS B 121 -5.46 20.20 -17.05
CA LYS B 121 -4.38 20.93 -17.76
C LYS B 121 -3.15 20.06 -17.91
N MSE B 122 -2.83 19.31 -16.86
CA MSE B 122 -1.67 18.41 -16.88
C MSE B 122 -1.96 17.21 -17.78
O MSE B 122 -1.10 16.78 -18.56
CB MSE B 122 -1.33 17.96 -15.48
CG MSE B 122 -0.92 19.08 -14.55
SE MSE B 122 0.64 20.04 -15.25
CE MSE B 122 -0.15 21.69 -15.48
N ALA B 123 -3.17 16.66 -17.70
CA ALA B 123 -3.58 15.56 -18.58
C ALA B 123 -3.42 15.91 -20.05
N THR B 124 -3.72 17.17 -20.41
CA THR B 124 -3.50 17.59 -21.79
C THR B 124 -2.03 17.54 -22.15
N ILE B 125 -1.19 18.04 -21.25
CA ILE B 125 0.27 17.98 -21.47
C ILE B 125 0.69 16.51 -21.59
N LEU B 126 0.15 15.68 -20.71
CA LEU B 126 0.44 14.24 -20.74
C LEU B 126 -0.14 13.45 -21.91
N GLY B 127 -1.04 14.08 -22.67
CA GLY B 127 -1.74 13.40 -23.76
C GLY B 127 -2.85 12.46 -23.33
N ILE B 128 -3.39 12.63 -22.12
CA ILE B 128 -4.46 11.75 -21.61
C ILE B 128 -5.82 12.33 -21.95
N LYS B 129 -6.66 11.51 -22.56
CA LYS B 129 -8.00 11.90 -22.94
C LYS B 129 -8.91 12.07 -21.73
N GLU B 130 -9.84 13.01 -21.87
CA GLU B 130 -10.75 13.34 -20.75
C GLU B 130 -11.48 12.15 -20.19
N GLU B 131 -11.94 11.22 -21.05
CA GLU B 131 -12.65 10.06 -20.54
C GLU B 131 -11.76 9.31 -19.55
N ILE B 132 -10.47 9.24 -19.85
CA ILE B 132 -9.54 8.56 -18.99
C ILE B 132 -9.27 9.38 -17.74
N VAL B 133 -9.09 10.70 -17.87
CA VAL B 133 -9.04 11.56 -16.67
C VAL B 133 -10.22 11.28 -15.72
N ASP B 134 -11.45 11.29 -16.27
CA ASP B 134 -12.63 11.04 -15.44
C ASP B 134 -12.58 9.67 -14.76
N GLN B 135 -12.06 8.67 -15.47
CA GLN B 135 -11.93 7.33 -14.91
C GLN B 135 -10.90 7.25 -13.81
N LEU B 136 -9.80 7.99 -13.95
CA LEU B 136 -8.76 8.02 -12.93
C LEU B 136 -9.28 8.70 -11.65
N GLU B 137 -10.00 9.79 -11.83
CA GLU B 137 -10.61 10.49 -10.68
C GLU B 137 -11.64 9.61 -9.98
N GLN B 138 -12.49 8.94 -10.75
CA GLN B 138 -13.43 7.98 -10.19
C GLN B 138 -12.72 6.85 -9.44
N LEU B 139 -11.60 6.36 -9.97
CA LEU B 139 -10.83 5.31 -9.32
C LEU B 139 -10.30 5.78 -7.95
N TYR B 140 -9.75 6.98 -7.93
CA TYR B 140 -9.35 7.65 -6.70
C TYR B 140 -10.51 7.66 -5.68
N TYR B 141 -11.69 8.13 -6.09
CA TYR B 141 -12.81 8.23 -5.14
C TYR B 141 -13.16 6.85 -4.57
N TYR B 142 -13.19 5.87 -5.46
CA TYR B 142 -13.52 4.51 -5.05
C TYR B 142 -12.50 3.94 -4.08
N GLU B 143 -11.22 4.10 -4.42
CA GLU B 143 -10.12 3.60 -3.62
C GLU B 143 -10.13 4.24 -2.24
N ALA B 144 -10.32 5.57 -2.19
CA ALA B 144 -10.35 6.30 -0.92
C ALA B 144 -11.54 5.85 -0.06
N ALA B 145 -12.70 5.68 -0.70
CA ALA B 145 -13.90 5.19 0.01
C ALA B 145 -13.75 3.76 0.51
N LEU B 146 -13.16 2.88 -0.30
CA LEU B 146 -12.96 1.46 0.10
C LEU B 146 -11.97 1.33 1.26
N ARG B 147 -10.94 2.16 1.23
CA ARG B 147 -10.00 2.23 2.33
C ARG B 147 -10.70 2.66 3.63
N GLN B 148 -11.52 3.70 3.59
CA GLN B 148 -12.27 4.11 4.78
C GLN B 148 -13.15 2.99 5.33
N LYS B 149 -13.83 2.30 4.41
CA LYS B 149 -14.65 1.13 4.73
C LYS B 149 -13.82 0.05 5.44
N ARG B 150 -12.63 -0.28 4.90
CA ARG B 150 -11.75 -1.24 5.54
CA ARG B 150 -11.72 -1.23 5.53
C ARG B 150 -11.42 -0.81 6.98
N LEU B 151 -11.00 0.43 7.15
CA LEU B 151 -10.55 0.87 8.44
C LEU B 151 -11.69 0.88 9.45
N ASN B 152 -12.89 1.28 9.03
CA ASN B 152 -14.03 1.25 9.94
C ASN B 152 -14.47 -0.15 10.30
N LEU B 153 -14.27 -1.10 9.38
CA LEU B 153 -14.63 -2.50 9.67
C LEU B 153 -13.60 -3.15 10.60
N LEU B 154 -12.32 -2.88 10.38
CA LEU B 154 -11.26 -3.46 11.22
C LEU B 154 -11.28 -2.87 12.63
N TYR B 155 -11.48 -1.57 12.72
CA TYR B 155 -11.38 -0.85 14.01
C TYR B 155 -12.54 0.14 14.17
N PRO B 156 -13.75 -0.39 14.39
CA PRO B 156 -14.94 0.43 14.50
C PRO B 156 -14.94 1.30 15.74
N GLN B 157 -14.22 0.91 16.77
CA GLN B 157 -14.17 1.68 18.00
C GLN B 157 -12.70 2.03 18.24
N LYS B 158 -12.05 1.32 19.14
CA LYS B 158 -10.67 1.61 19.48
C LYS B 158 -9.68 1.03 18.45
N SER B 159 -8.55 1.70 18.28
CA SER B 159 -7.45 1.17 17.48
C SER B 159 -6.21 0.99 18.41
N PRO B 160 -5.41 -0.07 18.21
CA PRO B 160 -4.22 -0.25 19.03
C PRO B 160 -3.13 0.79 18.84
N TYR B 161 -3.04 1.33 17.64
CA TYR B 161 -2.02 2.32 17.35
C TYR B 161 -2.64 3.41 16.48
ZN ZN C . -4.27 -20.24 -0.70
ZN ZN D . 0.95 -18.78 -7.68
ZN ZN D . 0.88 -16.98 -7.98
O I3A E . 2.55 -4.35 12.89
C3' I3A E . 1.65 -4.34 12.05
C3 I3A E . 0.26 -4.40 12.55
C2 I3A E . -0.84 -4.35 11.74
N I3A E . -1.96 -4.41 12.56
C8 I3A E . -1.61 -4.50 13.85
C9 I3A E . -0.15 -4.50 13.95
C4 I3A E . 0.49 -4.55 15.21
C5 I3A E . -0.28 -4.64 16.34
C6 I3A E . -1.68 -4.63 16.27
C7 I3A E . -2.33 -4.56 15.04
C1 EDO F . -5.64 -22.83 -6.23
O1 EDO F . -4.93 -23.90 -5.59
C2 EDO F . -6.81 -22.43 -5.35
O2 EDO F . -7.65 -21.50 -6.05
ZN ZN G . -5.17 19.51 -2.23
ZN ZN H . -14.85 15.01 -17.60
ZN ZN I . 21.90 11.49 1.84
CL CL J . -3.77 -5.83 2.07
O I3A K . 9.47 4.37 -8.83
C3' I3A K . 8.23 4.25 -8.70
C3 I3A K . 7.40 4.24 -9.92
C2 I3A K . 6.04 4.09 -9.89
N I3A K . 5.60 4.11 -11.19
C8 I3A K . 6.59 4.23 -12.08
C9 I3A K . 7.83 4.35 -11.33
C4 I3A K . 9.05 4.49 -11.97
C5 I3A K . 9.07 4.58 -13.37
C6 I3A K . 7.88 4.49 -14.11
C7 I3A K . 6.64 4.34 -13.49
C1 EDO L . -9.83 21.31 0.68
O1 EDO L . -11.10 20.76 0.36
C2 EDO L . -10.01 22.72 1.19
O2 EDO L . -8.75 23.38 1.15
#